data_5DAI
#
_entry.id   5DAI
#
_cell.length_a   152.070
_cell.length_b   152.070
_cell.length_c   35.240
_cell.angle_alpha   90.00
_cell.angle_beta   90.00
_cell.angle_gamma   120.00
#
_symmetry.space_group_name_H-M   'H 3'
#
loop_
_entity.id
_entity.type
_entity.pdbx_description
1 polymer 'DNA polymerase sliding clamp 1'
2 polymer 'C-terminus of FEN-1 protein'
3 non-polymer 'SULFATE ION'
4 water water
#
loop_
_entity_poly.entity_id
_entity_poly.type
_entity_poly.pdbx_seq_one_letter_code
_entity_poly.pdbx_strand_id
1 'polypeptide(L)'
;MPFEVVFDGAKEFADLIATASNLIDEAAFKFTEEGISMRAMDPSRVVLIDLNLPESIFSKYEVEEPETIGINMDQFKKIL
KRGKAKDTLILRKGDENFLEITFEGTAKRTFRLPLIDVEELELELPELPFTAKVVLLGEVLKEGIKDASLVSDAIKFIAK
ENEFTMKAEGETNEVEIRLTLEDEGLLDLEVEEETKSAYGIRYLSDMVKGIGKADEVILRFGNEMPLQMEYMIRDEGRLT
FLLAPRVEEHHHHHH
;
A
2 'polypeptide(L)' KQRTLESWFGR B
#
# COMPACT_ATOMS: atom_id res chain seq x y z
N PRO A 2 12.76 -17.43 13.81
CA PRO A 2 13.16 -16.66 15.00
C PRO A 2 13.78 -15.32 14.66
N PHE A 3 13.27 -14.29 15.32
CA PHE A 3 13.72 -12.93 15.07
C PHE A 3 13.32 -11.99 16.19
N GLU A 4 14.03 -10.86 16.25
CA GLU A 4 13.62 -9.71 17.04
C GLU A 4 13.87 -8.52 16.16
N VAL A 5 12.80 -7.79 15.85
N VAL A 5 12.81 -7.76 15.91
CA VAL A 5 12.95 -6.61 15.02
CA VAL A 5 12.86 -6.64 14.99
C VAL A 5 12.32 -5.44 15.76
C VAL A 5 12.26 -5.41 15.68
N VAL A 6 12.97 -4.29 15.69
CA VAL A 6 12.54 -3.13 16.47
C VAL A 6 12.33 -1.93 15.57
N PHE A 7 11.16 -1.29 15.69
CA PHE A 7 10.76 -0.20 14.82
C PHE A 7 10.31 0.97 15.68
N ASP A 8 10.96 2.12 15.51
CA ASP A 8 10.61 3.31 16.29
C ASP A 8 9.39 4.01 15.68
N GLY A 9 8.34 4.16 16.47
CA GLY A 9 7.13 4.77 15.95
C GLY A 9 6.10 3.73 15.52
N ALA A 10 5.36 3.24 16.51
CA ALA A 10 4.41 2.16 16.30
C ALA A 10 3.23 2.55 15.42
N LYS A 11 2.81 3.82 15.46
N LYS A 11 2.84 3.83 15.50
CA LYS A 11 1.60 4.19 14.73
CA LYS A 11 1.70 4.34 14.76
C LYS A 11 1.84 4.19 13.22
C LYS A 11 1.91 4.25 13.26
N GLU A 12 3.03 4.57 12.81
N GLU A 12 3.12 4.60 12.82
CA GLU A 12 3.35 4.56 11.39
CA GLU A 12 3.47 4.58 11.42
C GLU A 12 3.32 3.14 10.86
C GLU A 12 3.36 3.16 10.86
N PHE A 13 3.74 2.18 11.68
CA PHE A 13 3.72 0.80 11.26
C PHE A 13 2.27 0.31 11.27
N ALA A 14 1.53 0.72 12.30
CA ALA A 14 0.10 0.38 12.41
C ALA A 14 -0.69 0.82 11.18
N ASP A 15 -0.44 2.04 10.70
CA ASP A 15 -1.13 2.58 9.52
C ASP A 15 -0.95 1.70 8.27
N LEU A 16 0.28 1.22 8.04
CA LEU A 16 0.58 0.29 6.94
C LEU A 16 -0.33 -0.92 6.97
N ILE A 17 -0.33 -1.57 8.12
CA ILE A 17 -1.10 -2.79 8.29
C ILE A 17 -2.58 -2.52 8.18
N ALA A 18 -3.03 -1.41 8.77
CA ALA A 18 -4.42 -1.01 8.65
C ALA A 18 -4.84 -0.86 7.18
N THR A 19 -4.06 -0.14 6.37
CA THR A 19 -4.36 -0.03 4.94
C THR A 19 -4.46 -1.41 4.31
N ALA A 20 -3.43 -2.23 4.53
CA ALA A 20 -3.37 -3.53 3.90
C ALA A 20 -4.56 -4.37 4.32
N SER A 21 -4.99 -4.23 5.57
CA SER A 21 -6.05 -5.09 6.10
C SER A 21 -7.40 -4.79 5.47
N ASN A 22 -7.54 -3.61 4.88
CA ASN A 22 -8.79 -3.24 4.22
C ASN A 22 -8.89 -3.84 2.82
N LEU A 23 -7.80 -4.45 2.38
CA LEU A 23 -7.74 -5.01 1.03
C LEU A 23 -7.62 -6.52 1.10
N ILE A 24 -6.92 -7.02 2.12
CA ILE A 24 -6.75 -8.46 2.28
C ILE A 24 -7.06 -8.88 3.71
N ASP A 25 -7.54 -10.11 3.87
CA ASP A 25 -7.88 -10.68 5.17
C ASP A 25 -6.69 -11.39 5.83
N GLU A 26 -5.80 -11.97 5.02
CA GLU A 26 -4.63 -12.68 5.52
C GLU A 26 -3.40 -12.47 4.65
N ALA A 27 -2.22 -12.51 5.26
CA ALA A 27 -0.99 -12.31 4.52
C ALA A 27 0.14 -13.15 5.10
N ALA A 28 1.08 -13.50 4.23
CA ALA A 28 2.33 -14.13 4.63
C ALA A 28 3.44 -13.06 4.66
N PHE A 29 4.08 -12.93 5.82
CA PHE A 29 5.19 -12.01 6.01
C PHE A 29 6.50 -12.76 6.03
N LYS A 30 7.37 -12.41 5.10
CA LYS A 30 8.66 -13.06 4.93
C LYS A 30 9.73 -12.28 5.67
N PHE A 31 10.27 -12.85 6.73
CA PHE A 31 11.35 -12.22 7.47
C PHE A 31 12.66 -12.80 6.95
N THR A 32 13.39 -12.02 6.15
CA THR A 32 14.68 -12.43 5.62
C THR A 32 15.78 -11.60 6.25
N GLU A 33 17.04 -11.90 5.91
CA GLU A 33 18.16 -11.11 6.42
C GLU A 33 18.17 -9.70 5.82
N GLU A 34 17.58 -9.57 4.64
CA GLU A 34 17.49 -8.29 3.92
C GLU A 34 16.43 -7.33 4.48
N GLY A 35 15.40 -7.88 5.11
CA GLY A 35 14.26 -7.11 5.56
C GLY A 35 12.98 -7.93 5.54
N ILE A 36 11.86 -7.27 5.81
CA ILE A 36 10.57 -7.93 5.78
C ILE A 36 9.92 -7.70 4.42
N SER A 37 9.34 -8.75 3.85
CA SER A 37 8.56 -8.54 2.65
C SER A 37 7.22 -9.23 2.79
N MET A 38 6.22 -8.66 2.12
CA MET A 38 4.90 -9.24 2.07
C MET A 38 4.27 -8.93 0.72
N ARG A 39 3.69 -9.96 0.12
CA ARG A 39 3.01 -9.82 -1.15
C ARG A 39 1.73 -10.65 -1.12
N ALA A 40 0.65 -10.06 -1.61
CA ALA A 40 -0.68 -10.70 -1.60
C ALA A 40 -1.59 -10.07 -2.61
N MET A 41 -2.57 -10.84 -3.08
CA MET A 41 -3.67 -10.24 -3.81
C MET A 41 -4.92 -10.34 -2.96
N ASP A 42 -5.83 -9.39 -3.13
CA ASP A 42 -7.15 -9.53 -2.55
C ASP A 42 -7.81 -10.76 -3.19
N PRO A 43 -8.86 -11.28 -2.56
CA PRO A 43 -9.41 -12.55 -3.08
C PRO A 43 -9.96 -12.43 -4.51
N SER A 44 -10.55 -11.28 -4.84
CA SER A 44 -11.08 -11.06 -6.18
C SER A 44 -9.97 -10.85 -7.24
N ARG A 45 -8.71 -10.86 -6.80
N ARG A 45 -8.71 -10.88 -6.80
CA ARG A 45 -7.54 -10.75 -7.67
CA ARG A 45 -7.53 -10.75 -7.67
C ARG A 45 -7.54 -9.48 -8.52
C ARG A 45 -7.51 -9.47 -8.51
N VAL A 46 -8.01 -8.38 -7.93
CA VAL A 46 -8.07 -7.09 -8.61
C VAL A 46 -6.90 -6.19 -8.18
N VAL A 47 -6.40 -6.43 -6.98
CA VAL A 47 -5.32 -5.62 -6.44
C VAL A 47 -4.21 -6.47 -5.83
N LEU A 48 -2.99 -6.01 -6.04
CA LEU A 48 -1.79 -6.65 -5.52
C LEU A 48 -1.15 -5.69 -4.56
N ILE A 49 -0.75 -6.21 -3.39
CA ILE A 49 0.00 -5.42 -2.43
C ILE A 49 1.40 -5.97 -2.29
N ASP A 50 2.37 -5.08 -2.37
CA ASP A 50 3.75 -5.47 -2.11
C ASP A 50 4.35 -4.53 -1.08
N LEU A 51 4.67 -5.08 0.07
CA LEU A 51 5.27 -4.33 1.16
C LEU A 51 6.73 -4.70 1.27
N ASN A 52 7.60 -3.69 1.30
CA ASN A 52 9.01 -3.97 1.42
C ASN A 52 9.66 -3.08 2.47
N LEU A 53 10.08 -3.69 3.57
CA LEU A 53 10.70 -2.96 4.65
C LEU A 53 12.13 -3.47 4.88
N PRO A 54 13.11 -2.80 4.24
CA PRO A 54 14.51 -3.21 4.40
C PRO A 54 14.97 -3.10 5.84
N GLU A 55 15.96 -3.92 6.18
CA GLU A 55 16.46 -3.97 7.55
C GLU A 55 16.93 -2.61 8.04
N SER A 56 17.36 -1.76 7.10
CA SER A 56 17.93 -0.45 7.43
C SER A 56 16.98 0.52 8.13
N ILE A 57 15.67 0.32 7.98
CA ILE A 57 14.70 1.26 8.57
C ILE A 57 14.36 0.87 10.01
N PHE A 58 14.87 -0.27 10.48
CA PHE A 58 14.64 -0.72 11.83
C PHE A 58 15.79 -0.30 12.75
N SER A 59 15.50 0.01 14.00
CA SER A 59 16.57 0.38 14.92
C SER A 59 17.33 -0.86 15.41
N LYS A 60 16.67 -2.01 15.37
CA LYS A 60 17.34 -3.29 15.57
C LYS A 60 16.73 -4.33 14.65
N TYR A 61 17.56 -5.09 13.95
CA TYR A 61 17.03 -6.10 13.05
C TYR A 61 17.80 -7.41 13.15
N GLU A 62 17.25 -8.35 13.90
CA GLU A 62 17.96 -9.57 14.27
C GLU A 62 17.14 -10.81 13.94
N VAL A 63 17.40 -11.37 12.77
CA VAL A 63 16.70 -12.55 12.30
C VAL A 63 17.65 -13.75 12.42
N GLU A 64 17.65 -14.37 13.59
CA GLU A 64 18.49 -15.54 13.83
C GLU A 64 18.18 -16.63 12.82
N GLU A 65 16.89 -16.83 12.56
CA GLU A 65 16.45 -17.80 11.56
C GLU A 65 15.36 -17.21 10.66
N PRO A 66 15.66 -17.01 9.37
CA PRO A 66 14.69 -16.60 8.34
C PRO A 66 13.43 -17.45 8.37
N GLU A 67 12.30 -16.81 8.12
CA GLU A 67 11.03 -17.46 8.35
C GLU A 67 9.90 -16.68 7.66
N THR A 68 8.84 -17.39 7.29
CA THR A 68 7.64 -16.76 6.76
C THR A 68 6.49 -17.10 7.68
N ILE A 69 5.77 -16.08 8.12
CA ILE A 69 4.68 -16.31 9.07
C ILE A 69 3.34 -15.81 8.53
N GLY A 70 2.30 -16.57 8.82
CA GLY A 70 0.97 -16.25 8.34
C GLY A 70 0.24 -15.43 9.40
N ILE A 71 -0.45 -14.37 8.96
CA ILE A 71 -1.08 -13.46 9.89
C ILE A 71 -2.50 -13.05 9.48
N ASN A 72 -3.43 -13.12 10.43
CA ASN A 72 -4.74 -12.54 10.22
C ASN A 72 -4.64 -11.02 10.30
N MET A 73 -4.89 -10.34 9.18
CA MET A 73 -4.64 -8.90 9.10
C MET A 73 -5.53 -8.02 9.99
N ASP A 74 -6.80 -8.40 10.18
N ASP A 74 -6.79 -8.40 10.17
CA ASP A 74 -7.68 -7.63 11.06
CA ASP A 74 -7.66 -7.59 11.01
C ASP A 74 -7.18 -7.70 12.50
C ASP A 74 -7.26 -7.69 12.48
N GLN A 75 -6.79 -8.89 12.94
N GLN A 75 -6.77 -8.85 12.91
CA GLN A 75 -6.30 -9.07 14.30
CA GLN A 75 -6.33 -8.98 14.30
C GLN A 75 -4.97 -8.35 14.51
C GLN A 75 -4.97 -8.31 14.50
N PHE A 76 -4.10 -8.38 13.49
CA PHE A 76 -2.82 -7.67 13.52
C PHE A 76 -3.07 -6.17 13.64
N LYS A 77 -3.96 -5.67 12.79
CA LYS A 77 -4.38 -4.28 12.85
C LYS A 77 -4.88 -3.87 14.24
N LYS A 78 -5.85 -4.63 14.76
CA LYS A 78 -6.42 -4.43 16.09
C LYS A 78 -5.37 -4.15 17.15
N ILE A 79 -4.34 -5.00 17.16
CA ILE A 79 -3.30 -4.93 18.16
C ILE A 79 -2.40 -3.75 17.88
N LEU A 80 -2.05 -3.55 16.61
CA LEU A 80 -1.07 -2.54 16.27
C LEU A 80 -1.64 -1.16 16.53
N LYS A 81 -2.96 -1.06 16.42
CA LYS A 81 -3.67 0.21 16.67
C LYS A 81 -3.66 0.59 18.16
N ARG A 82 -3.18 -0.31 19.02
CA ARG A 82 -2.98 0.03 20.42
C ARG A 82 -1.69 0.81 20.64
N GLY A 83 -0.81 0.83 19.62
CA GLY A 83 0.46 1.52 19.73
C GLY A 83 0.32 3.03 19.73
N LYS A 84 1.00 3.69 20.65
CA LYS A 84 0.98 5.15 20.68
C LYS A 84 2.14 5.69 19.82
N ALA A 85 2.01 6.94 19.40
CA ALA A 85 3.01 7.60 18.58
C ALA A 85 4.40 7.54 19.19
N LYS A 86 4.49 7.65 20.51
CA LYS A 86 5.75 7.64 21.22
C LYS A 86 6.35 6.23 21.36
N ASP A 87 5.51 5.20 21.23
CA ASP A 87 5.94 3.82 21.49
C ASP A 87 7.00 3.29 20.53
N THR A 88 7.95 2.54 21.07
CA THR A 88 8.84 1.71 20.27
C THR A 88 8.16 0.36 20.03
N LEU A 89 8.08 -0.05 18.76
CA LEU A 89 7.47 -1.34 18.40
C LEU A 89 8.48 -2.50 18.33
N ILE A 90 8.18 -3.61 18.99
CA ILE A 90 9.04 -4.79 18.86
C ILE A 90 8.21 -5.96 18.36
N LEU A 91 8.72 -6.61 17.31
CA LEU A 91 8.12 -7.82 16.80
C LEU A 91 9.11 -8.94 17.05
N ARG A 92 8.67 -9.95 17.77
CA ARG A 92 9.58 -10.99 18.24
C ARG A 92 8.91 -12.33 18.09
N LYS A 93 9.71 -13.32 17.68
CA LYS A 93 9.21 -14.65 17.41
C LYS A 93 10.29 -15.66 17.79
N GLY A 94 9.93 -16.64 18.60
CA GLY A 94 10.82 -17.78 18.87
C GLY A 94 10.47 -18.94 17.96
N ASP A 95 10.52 -20.16 18.49
CA ASP A 95 10.17 -21.34 17.71
C ASP A 95 8.65 -21.59 17.70
N GLU A 96 7.99 -21.10 18.73
CA GLU A 96 6.54 -21.23 18.87
C GLU A 96 5.78 -20.56 17.72
N ASN A 97 4.54 -20.98 17.54
CA ASN A 97 3.73 -20.46 16.47
C ASN A 97 2.88 -19.26 16.92
N PHE A 98 3.51 -18.29 17.53
CA PHE A 98 2.83 -17.02 17.73
C PHE A 98 3.82 -15.88 17.62
N LEU A 99 3.29 -14.70 17.36
CA LEU A 99 4.10 -13.51 17.20
C LEU A 99 3.96 -12.68 18.45
N GLU A 100 5.08 -12.23 19.01
CA GLU A 100 5.02 -11.31 20.14
C GLU A 100 5.13 -9.87 19.63
N ILE A 101 4.10 -9.09 19.91
CA ILE A 101 4.07 -7.69 19.55
C ILE A 101 4.19 -6.87 20.83
N THR A 102 5.25 -6.08 20.95
CA THR A 102 5.47 -5.30 22.16
C THR A 102 5.57 -3.81 21.86
N PHE A 103 4.91 -3.02 22.69
CA PHE A 103 5.03 -1.56 22.64
C PHE A 103 5.81 -1.13 23.86
N GLU A 104 6.96 -0.49 23.64
CA GLU A 104 7.72 0.05 24.76
C GLU A 104 7.62 1.58 24.77
N GLY A 105 7.07 2.08 25.87
CA GLY A 105 6.89 3.50 26.11
C GLY A 105 6.95 3.73 27.60
N THR A 106 5.88 4.26 28.19
CA THR A 106 5.85 4.45 29.63
C THR A 106 5.74 3.11 30.35
N ALA A 107 5.18 2.13 29.66
CA ALA A 107 5.10 0.75 30.14
C ALA A 107 5.49 -0.23 29.03
N LYS A 108 5.71 -1.49 29.38
CA LYS A 108 5.97 -2.55 28.39
C LYS A 108 4.68 -3.34 28.20
N ARG A 109 4.14 -3.31 26.99
CA ARG A 109 2.85 -3.92 26.71
C ARG A 109 2.99 -4.99 25.65
N THR A 110 2.85 -6.25 26.04
CA THR A 110 3.11 -7.34 25.12
C THR A 110 1.85 -8.13 24.78
N PHE A 111 1.56 -8.21 23.48
CA PHE A 111 0.46 -9.02 22.98
C PHE A 111 1.00 -10.29 22.33
N ARG A 112 0.27 -11.38 22.44
CA ARG A 112 0.63 -12.60 21.74
C ARG A 112 -0.44 -12.91 20.69
N LEU A 113 0.00 -12.98 19.42
CA LEU A 113 -0.90 -13.23 18.30
C LEU A 113 -0.64 -14.61 17.69
N PRO A 114 -1.65 -15.50 17.74
CA PRO A 114 -1.47 -16.81 17.11
C PRO A 114 -1.21 -16.65 15.62
N LEU A 115 -0.32 -17.48 15.09
CA LEU A 115 -0.04 -17.44 13.66
C LEU A 115 -0.88 -18.50 12.95
N ILE A 116 -1.16 -18.27 11.67
CA ILE A 116 -2.05 -19.12 10.87
C ILE A 116 -1.40 -19.52 9.56
N ASP A 117 -2.00 -20.47 8.88
CA ASP A 117 -1.47 -20.93 7.59
C ASP A 117 -2.08 -20.16 6.43
N VAL A 118 -1.22 -19.45 5.71
CA VAL A 118 -1.63 -18.61 4.61
C VAL A 118 -0.89 -19.11 3.39
N GLU A 119 -1.62 -19.46 2.33
CA GLU A 119 -0.90 -19.94 1.15
C GLU A 119 -0.47 -18.77 0.29
N GLU A 120 0.83 -18.68 0.09
CA GLU A 120 1.40 -17.68 -0.78
C GLU A 120 1.16 -18.09 -2.23
N LEU A 121 0.52 -17.22 -3.00
CA LEU A 121 0.62 -17.34 -4.45
C LEU A 121 1.92 -16.64 -4.78
N GLU A 122 2.66 -17.13 -5.76
CA GLU A 122 3.91 -16.46 -6.08
C GLU A 122 4.25 -16.44 -7.56
N LEU A 123 4.16 -15.24 -8.12
CA LEU A 123 4.92 -14.82 -9.29
C LEU A 123 5.32 -13.39 -8.96
N GLU A 124 6.46 -12.94 -9.48
N GLU A 124 6.47 -12.95 -9.49
CA GLU A 124 6.92 -11.59 -9.17
CA GLU A 124 6.92 -11.59 -9.24
C GLU A 124 6.30 -10.59 -10.15
C GLU A 124 6.17 -10.58 -10.09
N LEU A 125 6.40 -9.31 -9.78
CA LEU A 125 5.89 -8.21 -10.56
C LEU A 125 6.26 -8.37 -12.03
N PRO A 126 5.26 -8.31 -12.92
CA PRO A 126 5.59 -8.35 -14.34
C PRO A 126 6.13 -6.99 -14.76
N GLU A 127 7.04 -6.96 -15.72
CA GLU A 127 7.53 -5.69 -16.22
C GLU A 127 6.51 -5.13 -17.20
N LEU A 128 5.77 -4.09 -16.79
CA LEU A 128 4.73 -3.52 -17.65
C LEU A 128 5.20 -2.27 -18.36
N PRO A 129 4.79 -2.12 -19.64
CA PRO A 129 5.12 -0.94 -20.46
C PRO A 129 4.32 0.31 -20.13
N PHE A 130 4.41 0.79 -18.87
CA PHE A 130 3.78 2.05 -18.50
C PHE A 130 4.21 3.22 -19.37
N THR A 131 3.24 4.03 -19.83
CA THR A 131 3.54 5.20 -20.66
C THR A 131 3.37 6.52 -19.92
N ALA A 132 3.06 6.42 -18.63
CA ALA A 132 2.90 7.64 -17.84
C ALA A 132 3.37 7.43 -16.40
N LYS A 133 4.13 8.40 -15.93
CA LYS A 133 4.58 8.47 -14.55
C LYS A 133 4.10 9.80 -13.99
N VAL A 134 3.43 9.75 -12.85
CA VAL A 134 2.94 10.94 -12.16
C VAL A 134 3.41 10.89 -10.71
N VAL A 135 4.09 11.93 -10.25
CA VAL A 135 4.44 12.04 -8.85
C VAL A 135 3.67 13.25 -8.29
N LEU A 136 2.84 13.00 -7.27
CA LEU A 136 1.96 14.03 -6.71
C LEU A 136 1.86 13.94 -5.18
N LEU A 137 1.46 15.04 -4.55
CA LEU A 137 1.27 15.03 -3.08
C LEU A 137 0.07 14.16 -2.73
N GLY A 138 0.22 13.31 -1.71
CA GLY A 138 -0.89 12.51 -1.22
C GLY A 138 -2.19 13.30 -1.04
N GLU A 139 -2.05 14.54 -0.59
CA GLU A 139 -3.21 15.43 -0.42
C GLU A 139 -4.10 15.50 -1.66
N VAL A 140 -3.50 15.76 -2.81
CA VAL A 140 -4.25 15.86 -4.08
C VAL A 140 -4.93 14.54 -4.44
N LEU A 141 -4.19 13.45 -4.31
CA LEU A 141 -4.71 12.13 -4.60
C LEU A 141 -5.89 11.78 -3.70
N LYS A 142 -5.69 11.93 -2.39
CA LYS A 142 -6.72 11.59 -1.41
C LYS A 142 -8.00 12.45 -1.61
N GLU A 143 -7.80 13.76 -1.71
CA GLU A 143 -8.86 14.72 -2.10
C GLU A 143 -9.65 14.29 -3.33
N GLY A 144 -8.93 14.11 -4.43
CA GLY A 144 -9.53 13.86 -5.73
C GLY A 144 -10.35 12.60 -5.74
N ILE A 145 -9.91 11.59 -5.00
CA ILE A 145 -10.63 10.33 -4.92
C ILE A 145 -11.93 10.56 -4.16
N LYS A 146 -11.85 11.33 -3.08
CA LYS A 146 -13.04 11.66 -2.31
C LYS A 146 -13.95 12.52 -3.18
N ASP A 147 -13.38 13.47 -3.90
CA ASP A 147 -14.19 14.31 -4.81
C ASP A 147 -14.97 13.46 -5.79
N ALA A 148 -14.28 12.50 -6.41
CA ALA A 148 -14.87 11.69 -7.47
C ALA A 148 -15.98 10.79 -6.95
N SER A 149 -15.84 10.32 -5.70
CA SER A 149 -16.83 9.42 -5.13
C SER A 149 -18.19 10.10 -4.92
N LEU A 150 -18.21 11.43 -4.98
CA LEU A 150 -19.47 12.18 -4.91
C LEU A 150 -20.32 11.91 -6.13
N VAL A 151 -19.66 11.45 -7.19
CA VAL A 151 -20.21 11.49 -8.54
C VAL A 151 -20.31 10.14 -9.24
N SER A 152 -19.47 9.18 -8.83
CA SER A 152 -19.33 7.94 -9.57
C SER A 152 -18.69 6.87 -8.69
N ASP A 153 -18.68 5.64 -9.19
CA ASP A 153 -17.94 4.54 -8.57
C ASP A 153 -16.57 4.37 -9.23
N ALA A 154 -16.34 5.13 -10.30
CA ALA A 154 -15.13 5.00 -11.11
C ALA A 154 -14.48 6.36 -11.40
N ILE A 155 -13.16 6.31 -11.59
CA ILE A 155 -12.39 7.50 -11.89
C ILE A 155 -11.41 7.24 -13.05
N LYS A 156 -11.40 8.16 -14.00
CA LYS A 156 -10.54 8.07 -15.17
C LYS A 156 -9.28 8.89 -14.92
N PHE A 157 -8.13 8.29 -15.14
CA PHE A 157 -6.84 8.99 -15.09
C PHE A 157 -6.41 9.35 -16.52
N ILE A 158 -6.11 10.62 -16.76
CA ILE A 158 -5.62 11.03 -18.07
C ILE A 158 -4.31 11.81 -17.92
N ALA A 159 -3.27 11.30 -18.58
CA ALA A 159 -1.98 11.96 -18.56
C ALA A 159 -1.59 12.48 -19.95
N LYS A 160 -1.39 13.78 -20.06
CA LYS A 160 -0.80 14.42 -21.24
C LYS A 160 0.51 15.07 -20.79
N GLU A 161 1.31 15.60 -21.72
CA GLU A 161 2.70 15.95 -21.37
C GLU A 161 2.84 17.09 -20.35
N ASN A 162 1.86 18.00 -20.27
CA ASN A 162 1.88 19.03 -19.23
C ASN A 162 0.60 19.09 -18.37
N GLU A 163 -0.14 18.00 -18.31
CA GLU A 163 -1.28 17.96 -17.39
C GLU A 163 -1.68 16.54 -17.01
N PHE A 164 -2.05 16.40 -15.75
CA PHE A 164 -2.60 15.16 -15.24
C PHE A 164 -4.01 15.46 -14.76
N THR A 165 -4.97 14.72 -15.25
CA THR A 165 -6.35 14.92 -14.83
C THR A 165 -6.99 13.63 -14.33
N MET A 166 -7.71 13.75 -13.23
CA MET A 166 -8.59 12.68 -12.80
C MET A 166 -9.98 13.18 -13.01
N LYS A 167 -10.81 12.38 -13.65
CA LYS A 167 -12.18 12.84 -13.75
C LYS A 167 -13.19 11.71 -13.56
N ALA A 168 -14.32 12.14 -13.01
CA ALA A 168 -15.43 11.27 -12.68
C ALA A 168 -16.70 11.91 -13.24
N GLU A 169 -17.58 11.09 -13.78
CA GLU A 169 -18.88 11.56 -14.25
C GLU A 169 -19.97 10.65 -13.72
N GLY A 170 -21.10 11.25 -13.42
CA GLY A 170 -22.33 10.53 -13.14
C GLY A 170 -23.43 11.18 -13.94
N GLU A 171 -24.54 11.42 -13.27
CA GLU A 171 -25.85 11.64 -13.68
C GLU A 171 -25.99 13.16 -13.74
N THR A 172 -25.40 13.76 -14.76
CA THR A 172 -25.46 15.20 -14.93
C THR A 172 -24.02 15.28 -14.13
N ASN A 173 -23.88 15.31 -12.80
CA ASN A 173 -22.68 15.75 -12.10
C ASN A 173 -21.34 15.23 -12.67
N GLU A 174 -20.33 16.10 -12.66
CA GLU A 174 -18.95 15.70 -12.99
C GLU A 174 -17.96 16.38 -12.07
N VAL A 175 -16.78 15.76 -11.92
CA VAL A 175 -15.66 16.48 -11.35
C VAL A 175 -14.38 16.16 -12.12
N GLU A 176 -13.51 17.15 -12.19
CA GLU A 176 -12.20 17.00 -12.76
C GLU A 176 -11.23 17.60 -11.77
N ILE A 177 -10.15 16.86 -11.52
CA ILE A 177 -9.07 17.36 -10.70
C ILE A 177 -7.86 17.48 -11.63
N ARG A 178 -7.38 18.70 -11.85
CA ARG A 178 -6.30 18.91 -12.81
C ARG A 178 -5.01 19.40 -12.14
N LEU A 179 -3.89 18.80 -12.54
CA LEU A 179 -2.58 19.30 -12.16
C LEU A 179 -1.79 19.66 -13.42
N THR A 180 -1.03 20.76 -13.34
CA THR A 180 -0.09 21.10 -14.40
C THR A 180 1.26 21.28 -13.73
N LEU A 181 2.32 21.41 -14.52
CA LEU A 181 3.67 21.38 -13.94
C LEU A 181 3.94 22.63 -13.12
N GLU A 182 3.06 23.61 -13.25
CA GLU A 182 3.11 24.81 -12.43
C GLU A 182 2.59 24.58 -11.00
N ASP A 183 1.78 23.53 -10.80
CA ASP A 183 1.10 23.32 -9.53
C ASP A 183 2.00 22.70 -8.47
N GLU A 184 1.76 23.11 -7.22
CA GLU A 184 2.50 22.63 -6.05
C GLU A 184 2.49 21.11 -5.99
N GLY A 185 1.30 20.56 -6.05
CA GLY A 185 1.08 19.15 -5.79
C GLY A 185 1.53 18.21 -6.88
N LEU A 186 1.98 18.75 -8.01
CA LEU A 186 2.51 17.92 -9.09
C LEU A 186 4.03 18.01 -9.06
N LEU A 187 4.68 16.95 -8.58
CA LEU A 187 6.12 16.96 -8.43
C LEU A 187 6.85 16.50 -9.70
N ASP A 188 6.22 15.59 -10.45
CA ASP A 188 6.83 15.11 -11.70
C ASP A 188 5.75 14.56 -12.59
N LEU A 189 5.93 14.75 -13.89
CA LEU A 189 5.04 14.19 -14.89
C LEU A 189 5.85 13.80 -16.12
N GLU A 190 6.00 12.51 -16.34
CA GLU A 190 6.72 12.01 -17.51
C GLU A 190 5.77 11.16 -18.34
N VAL A 191 5.55 11.60 -19.58
CA VAL A 191 4.56 11.01 -20.45
C VAL A 191 5.19 10.65 -21.79
N GLU A 192 5.09 9.36 -22.17
CA GLU A 192 5.59 8.86 -23.44
C GLU A 192 4.61 9.14 -24.57
N GLU A 193 3.33 8.95 -24.25
CA GLU A 193 2.23 9.18 -25.17
C GLU A 193 1.01 9.45 -24.30
N GLU A 194 0.04 10.21 -24.81
CA GLU A 194 -1.18 10.49 -24.07
C GLU A 194 -1.75 9.18 -23.52
N THR A 195 -2.04 9.17 -22.22
CA THR A 195 -2.38 7.93 -21.54
C THR A 195 -3.69 8.04 -20.75
N LYS A 196 -4.57 7.07 -20.98
CA LYS A 196 -5.89 7.04 -20.34
C LYS A 196 -6.23 5.66 -19.79
N SER A 197 -6.69 5.62 -18.54
CA SER A 197 -7.20 4.38 -17.98
C SER A 197 -8.18 4.72 -16.85
N ALA A 198 -9.01 3.76 -16.47
CA ALA A 198 -10.00 4.00 -15.42
C ALA A 198 -9.85 2.98 -14.28
N TYR A 199 -10.25 3.39 -13.09
CA TYR A 199 -10.08 2.59 -11.87
C TYR A 199 -11.25 2.75 -10.89
N GLY A 200 -11.45 1.73 -10.07
CA GLY A 200 -12.52 1.73 -9.09
C GLY A 200 -12.20 2.60 -7.89
N ILE A 201 -13.15 3.46 -7.53
CA ILE A 201 -12.97 4.36 -6.41
C ILE A 201 -12.90 3.63 -5.06
N ARG A 202 -13.67 2.57 -4.90
CA ARG A 202 -13.62 1.80 -3.66
C ARG A 202 -12.20 1.29 -3.37
N TYR A 203 -11.53 0.74 -4.38
CA TYR A 203 -10.17 0.25 -4.21
C TYR A 203 -9.25 1.39 -3.90
N LEU A 204 -9.33 2.44 -4.73
CA LEU A 204 -8.46 3.59 -4.58
C LEU A 204 -8.56 4.18 -3.17
N SER A 205 -9.79 4.31 -2.69
CA SER A 205 -10.04 4.87 -1.37
C SER A 205 -9.28 4.07 -0.29
N ASP A 206 -9.43 2.75 -0.32
CA ASP A 206 -8.73 1.89 0.64
C ASP A 206 -7.22 2.06 0.50
N MET A 207 -6.75 2.14 -0.74
CA MET A 207 -5.32 2.21 -1.00
C MET A 207 -4.65 3.45 -0.39
N VAL A 208 -5.34 4.59 -0.43
CA VAL A 208 -4.71 5.86 -0.08
C VAL A 208 -5.05 6.29 1.34
N LYS A 209 -5.85 5.50 2.04
CA LYS A 209 -6.27 5.85 3.40
C LYS A 209 -5.07 6.13 4.33
N GLY A 210 -4.04 5.29 4.25
CA GLY A 210 -2.86 5.47 5.10
C GLY A 210 -1.80 6.40 4.55
N ILE A 211 -2.06 7.05 3.43
CA ILE A 211 -1.09 7.97 2.86
C ILE A 211 -1.18 9.34 3.53
N GLY A 212 -0.03 9.94 3.84
CA GLY A 212 0.02 11.27 4.41
C GLY A 212 -0.24 12.38 3.39
N LYS A 213 -0.87 13.46 3.83
CA LYS A 213 -1.16 14.61 2.95
C LYS A 213 0.08 15.15 2.23
N ALA A 214 1.21 15.14 2.92
CA ALA A 214 2.45 15.63 2.32
C ALA A 214 3.35 14.51 1.78
N ASP A 215 2.87 13.25 1.79
CA ASP A 215 3.67 12.15 1.22
C ASP A 215 3.81 12.28 -0.29
N GLU A 216 4.97 11.92 -0.85
CA GLU A 216 5.10 11.87 -2.30
C GLU A 216 4.66 10.51 -2.81
N VAL A 217 3.67 10.50 -3.70
CA VAL A 217 3.11 9.26 -4.22
C VAL A 217 3.42 9.12 -5.74
N ILE A 218 3.99 7.98 -6.11
CA ILE A 218 4.29 7.74 -7.52
C ILE A 218 3.17 6.95 -8.15
N LEU A 219 2.63 7.43 -9.26
CA LEU A 219 1.67 6.67 -10.04
C LEU A 219 2.33 6.27 -11.36
N ARG A 220 2.17 5.01 -11.74
CA ARG A 220 2.56 4.55 -13.08
C ARG A 220 1.37 3.87 -13.69
N PHE A 221 1.01 4.24 -14.92
CA PHE A 221 -0.05 3.53 -15.62
C PHE A 221 0.09 3.59 -17.15
N GLY A 222 -0.85 2.98 -17.85
CA GLY A 222 -0.81 2.92 -19.30
C GLY A 222 -2.23 2.84 -19.82
N ASN A 223 -2.40 2.83 -21.14
CA ASN A 223 -3.73 2.77 -21.73
C ASN A 223 -4.43 1.45 -21.44
N GLU A 224 -5.49 1.53 -20.64
CA GLU A 224 -6.23 0.37 -20.17
C GLU A 224 -5.33 -0.67 -19.51
N MET A 225 -4.32 -0.18 -18.80
CA MET A 225 -3.40 -1.02 -18.03
C MET A 225 -3.65 -0.86 -16.52
N PRO A 226 -3.09 -1.76 -15.71
CA PRO A 226 -3.15 -1.57 -14.25
C PRO A 226 -2.44 -0.29 -13.82
N LEU A 227 -2.85 0.23 -12.68
CA LEU A 227 -2.17 1.34 -12.06
C LEU A 227 -1.19 0.82 -11.02
N GLN A 228 0.03 1.34 -11.06
CA GLN A 228 0.97 1.04 -10.00
C GLN A 228 1.10 2.30 -9.15
N MET A 229 0.85 2.14 -7.86
CA MET A 229 0.92 3.23 -6.91
C MET A 229 1.91 2.89 -5.81
N GLU A 230 2.88 3.76 -5.54
CA GLU A 230 3.80 3.46 -4.45
C GLU A 230 4.06 4.69 -3.64
N TYR A 231 4.28 4.46 -2.34
CA TYR A 231 4.75 5.53 -1.48
C TYR A 231 5.79 4.97 -0.51
N MET A 232 6.61 5.84 0.05
N MET A 232 6.61 5.84 0.05
CA MET A 232 7.75 5.41 0.85
CA MET A 232 7.75 5.39 0.83
C MET A 232 7.40 5.26 2.32
C MET A 232 7.40 5.26 2.32
N ILE A 233 8.08 4.33 2.98
CA ILE A 233 7.97 4.13 4.42
C ILE A 233 9.34 4.38 5.01
N ARG A 234 9.46 5.36 5.89
CA ARG A 234 10.76 5.69 6.51
C ARG A 234 11.86 5.75 5.45
N ASP A 235 11.51 6.32 4.30
CA ASP A 235 12.41 6.56 3.17
C ASP A 235 12.80 5.32 2.38
N GLU A 236 13.37 4.30 3.03
CA GLU A 236 13.83 3.11 2.30
C GLU A 236 12.72 2.08 2.13
N GLY A 237 11.74 2.08 3.02
CA GLY A 237 10.64 1.16 2.92
C GLY A 237 9.72 1.56 1.79
N ARG A 238 8.91 0.63 1.32
CA ARG A 238 8.01 0.93 0.22
C ARG A 238 6.75 0.08 0.26
N LEU A 239 5.61 0.72 0.05
CA LEU A 239 4.37 -0.01 -0.14
C LEU A 239 3.92 0.22 -1.57
N THR A 240 3.80 -0.86 -2.33
CA THR A 240 3.41 -0.76 -3.73
C THR A 240 2.07 -1.47 -3.98
N PHE A 241 1.18 -0.80 -4.70
CA PHE A 241 -0.04 -1.45 -5.15
C PHE A 241 -0.04 -1.61 -6.66
N LEU A 242 -0.62 -2.70 -7.14
CA LEU A 242 -0.95 -2.82 -8.54
C LEU A 242 -2.44 -3.03 -8.62
N LEU A 243 -3.14 -2.15 -9.33
CA LEU A 243 -4.60 -2.20 -9.40
C LEU A 243 -5.07 -2.37 -10.83
N ALA A 244 -5.80 -3.44 -11.07
CA ALA A 244 -6.33 -3.74 -12.40
C ALA A 244 -7.33 -2.66 -12.85
N PRO A 245 -7.35 -2.36 -14.16
CA PRO A 245 -8.19 -1.28 -14.66
C PRO A 245 -9.65 -1.65 -14.78
N ARG A 246 -10.50 -0.62 -14.77
CA ARG A 246 -11.87 -0.76 -15.25
C ARG A 246 -11.90 -0.40 -16.72
N VAL A 247 -12.40 -1.32 -17.54
CA VAL A 247 -12.38 -1.13 -18.98
C VAL A 247 -13.82 -1.15 -19.50
N GLU A 248 -14.10 -0.29 -20.49
CA GLU A 248 -15.42 -0.12 -21.10
C GLU A 248 -16.41 0.51 -20.14
N LYS B 1 -16.29 -2.84 -17.03
CA LYS B 1 -15.91 -4.11 -16.40
C LYS B 1 -14.67 -3.93 -15.53
N GLN B 2 -14.69 -4.48 -14.33
CA GLN B 2 -13.51 -4.48 -13.48
C GLN B 2 -12.62 -5.68 -13.82
N ARG B 3 -11.54 -5.42 -14.56
CA ARG B 3 -10.60 -6.47 -14.91
C ARG B 3 -9.93 -7.04 -13.66
N THR B 4 -9.51 -8.30 -13.72
CA THR B 4 -8.59 -8.81 -12.72
C THR B 4 -7.17 -8.62 -13.23
N LEU B 5 -6.20 -8.88 -12.37
CA LEU B 5 -4.79 -8.72 -12.71
C LEU B 5 -4.21 -9.93 -13.45
N GLU B 6 -5.02 -10.98 -13.61
CA GLU B 6 -4.53 -12.27 -14.11
C GLU B 6 -3.84 -12.19 -15.46
N SER B 7 -4.42 -11.45 -16.41
CA SER B 7 -3.81 -11.27 -17.74
C SER B 7 -2.41 -10.69 -17.62
N TRP B 8 -2.15 -9.98 -16.53
CA TRP B 8 -0.83 -9.39 -16.35
C TRP B 8 0.07 -10.25 -15.44
N PHE B 9 -0.40 -11.45 -15.10
CA PHE B 9 0.48 -12.45 -14.48
C PHE B 9 0.59 -13.70 -15.33
#